data_1D67
# 
_entry.id   1D67 
# 
_audit_conform.dict_name       mmcif_pdbx.dic 
_audit_conform.dict_version    5.385 
_audit_conform.dict_location   http://mmcif.pdb.org/dictionaries/ascii/mmcif_pdbx.dic 
# 
loop_
_database_2.database_id 
_database_2.database_code 
_database_2.pdbx_database_accession 
_database_2.pdbx_DOI 
PDB   1D67         pdb_00001d67 10.2210/pdb1d67/pdb 
RCSB  DDF038       ?            ?                   
WWPDB D_1000172668 ?            ?                   
# 
loop_
_pdbx_audit_revision_history.ordinal 
_pdbx_audit_revision_history.data_content_type 
_pdbx_audit_revision_history.major_revision 
_pdbx_audit_revision_history.minor_revision 
_pdbx_audit_revision_history.revision_date 
1 'Structure model' 1 0 1993-07-15 
2 'Structure model' 1 1 2008-05-22 
3 'Structure model' 1 2 2011-07-13 
4 'Structure model' 1 3 2024-02-07 
# 
_pdbx_audit_revision_details.ordinal             1 
_pdbx_audit_revision_details.revision_ordinal    1 
_pdbx_audit_revision_details.data_content_type   'Structure model' 
_pdbx_audit_revision_details.provider            repository 
_pdbx_audit_revision_details.type                'Initial release' 
_pdbx_audit_revision_details.description         ? 
_pdbx_audit_revision_details.details             ? 
# 
loop_
_pdbx_audit_revision_group.ordinal 
_pdbx_audit_revision_group.revision_ordinal 
_pdbx_audit_revision_group.data_content_type 
_pdbx_audit_revision_group.group 
1 2 'Structure model' 'Version format compliance' 
2 3 'Structure model' 'Version format compliance' 
3 4 'Structure model' 'Data collection'           
4 4 'Structure model' 'Database references'       
5 4 'Structure model' 'Derived calculations'      
# 
loop_
_pdbx_audit_revision_category.ordinal 
_pdbx_audit_revision_category.revision_ordinal 
_pdbx_audit_revision_category.data_content_type 
_pdbx_audit_revision_category.category 
1 4 'Structure model' chem_comp_atom 
2 4 'Structure model' chem_comp_bond 
3 4 'Structure model' database_2     
4 4 'Structure model' struct_site    
# 
loop_
_pdbx_audit_revision_item.ordinal 
_pdbx_audit_revision_item.revision_ordinal 
_pdbx_audit_revision_item.data_content_type 
_pdbx_audit_revision_item.item 
1 4 'Structure model' '_database_2.pdbx_DOI'                
2 4 'Structure model' '_database_2.pdbx_database_accession' 
3 4 'Structure model' '_struct_site.pdbx_auth_asym_id'      
4 4 'Structure model' '_struct_site.pdbx_auth_comp_id'      
5 4 'Structure model' '_struct_site.pdbx_auth_seq_id'       
# 
_pdbx_database_status.status_code                     REL 
_pdbx_database_status.entry_id                        1D67 
_pdbx_database_status.recvd_initial_deposition_date   1992-03-31 
_pdbx_database_status.deposit_site                    BNL 
_pdbx_database_status.process_site                    NDB 
_pdbx_database_status.status_code_sf                  REL 
_pdbx_database_status.status_code_mr                  ? 
_pdbx_database_status.SG_entry                        ? 
_pdbx_database_status.pdb_format_compatible           Y 
_pdbx_database_status.status_code_cs                  ? 
_pdbx_database_status.status_code_nmr_data            ? 
_pdbx_database_status.methods_development_category    ? 
# 
loop_
_audit_author.name 
_audit_author.pdbx_ordinal 
'Gallois, B.'              1 
;Langlois D'Estaintot, B.
;
2 
'Brown, T.'                3 
'Hunter, W.N.'             4 
# 
_citation.id                        primary 
_citation.title                     'The structure of an idarubicin-d(TGATCA) complex at high resolution.' 
_citation.journal_abbrev            'Acta Crystallogr.,Sect.D' 
_citation.journal_volume            49 
_citation.page_first                311 
_citation.page_last                 317 
_citation.year                      1993 
_citation.journal_id_ASTM           ABCRE6 
_citation.country                   DK 
_citation.journal_id_ISSN           0907-4449 
_citation.journal_id_CSD            0766 
_citation.book_publisher            ? 
_citation.pdbx_database_id_PubMed   15299520 
_citation.pdbx_database_id_DOI      10.1107/S0907444992009983 
# 
loop_
_citation_author.citation_id 
_citation_author.name 
_citation_author.ordinal 
_citation_author.identifier_ORCID 
primary 'Gallois, B.'       1 ? 
primary 
;d'Estaintot, B.L.
;
2 ? 
primary 'Brown, T.'         3 ? 
primary 'Hunter, W.N.'      4 ? 
# 
loop_
_entity.id 
_entity.type 
_entity.src_method 
_entity.pdbx_description 
_entity.formula_weight 
_entity.pdbx_number_of_molecules 
_entity.pdbx_ec 
_entity.pdbx_mutation 
_entity.pdbx_fragment 
_entity.details 
1 polymer     syn 
;DNA (5'-D(*TP*GP*AP*TP*CP*A)-3')
;
1808.229 1  ? ? ? ? 
2 non-polymer syn IDARUBICIN                         497.494  1  ? ? ? ? 
3 water       nat water                              18.015   35 ? ? ? ? 
# 
_entity_poly.entity_id                      1 
_entity_poly.type                           polydeoxyribonucleotide 
_entity_poly.nstd_linkage                   no 
_entity_poly.nstd_monomer                   no 
_entity_poly.pdbx_seq_one_letter_code       '(DT)(DG)(DA)(DT)(DC)(DA)' 
_entity_poly.pdbx_seq_one_letter_code_can   TGATCA 
_entity_poly.pdbx_strand_id                 A 
_entity_poly.pdbx_target_identifier         ? 
# 
loop_
_pdbx_entity_nonpoly.entity_id 
_pdbx_entity_nonpoly.name 
_pdbx_entity_nonpoly.comp_id 
2 IDARUBICIN DM5 
3 water      HOH 
# 
loop_
_entity_poly_seq.entity_id 
_entity_poly_seq.num 
_entity_poly_seq.mon_id 
_entity_poly_seq.hetero 
1 1 DT n 
1 2 DG n 
1 3 DA n 
1 4 DT n 
1 5 DC n 
1 6 DA n 
# 
loop_
_chem_comp.id 
_chem_comp.type 
_chem_comp.mon_nstd_flag 
_chem_comp.name 
_chem_comp.pdbx_synonyms 
_chem_comp.formula 
_chem_comp.formula_weight 
DA  'DNA linking' y "2'-DEOXYADENOSINE-5'-MONOPHOSPHATE" ?                        'C10 H14 N5 O6 P' 331.222 
DC  'DNA linking' y "2'-DEOXYCYTIDINE-5'-MONOPHOSPHATE"  ?                        'C9 H14 N3 O7 P'  307.197 
DG  'DNA linking' y "2'-DEOXYGUANOSINE-5'-MONOPHOSPHATE" ?                        'C10 H14 N5 O7 P' 347.221 
DM5 non-polymer   . IDARUBICIN                           4-DEMETHOXY-DAUNORUBICIN 'C26 H27 N O9'    497.494 
DT  'DNA linking' y "THYMIDINE-5'-MONOPHOSPHATE"         ?                        'C10 H15 N2 O8 P' 322.208 
HOH non-polymer   . WATER                                ?                        'H2 O'            18.015  
# 
loop_
_pdbx_poly_seq_scheme.asym_id 
_pdbx_poly_seq_scheme.entity_id 
_pdbx_poly_seq_scheme.seq_id 
_pdbx_poly_seq_scheme.mon_id 
_pdbx_poly_seq_scheme.ndb_seq_num 
_pdbx_poly_seq_scheme.pdb_seq_num 
_pdbx_poly_seq_scheme.auth_seq_num 
_pdbx_poly_seq_scheme.pdb_mon_id 
_pdbx_poly_seq_scheme.auth_mon_id 
_pdbx_poly_seq_scheme.pdb_strand_id 
_pdbx_poly_seq_scheme.pdb_ins_code 
_pdbx_poly_seq_scheme.hetero 
A 1 1 DT 1 1 1 DT T A . n 
A 1 2 DG 2 2 2 DG G A . n 
A 1 3 DA 3 3 3 DA A A . n 
A 1 4 DT 4 4 4 DT T A . n 
A 1 5 DC 5 5 5 DC C A . n 
A 1 6 DA 6 6 6 DA A A . n 
# 
loop_
_pdbx_nonpoly_scheme.asym_id 
_pdbx_nonpoly_scheme.entity_id 
_pdbx_nonpoly_scheme.mon_id 
_pdbx_nonpoly_scheme.ndb_seq_num 
_pdbx_nonpoly_scheme.pdb_seq_num 
_pdbx_nonpoly_scheme.auth_seq_num 
_pdbx_nonpoly_scheme.pdb_mon_id 
_pdbx_nonpoly_scheme.auth_mon_id 
_pdbx_nonpoly_scheme.pdb_strand_id 
_pdbx_nonpoly_scheme.pdb_ins_code 
B 2 DM5 1  7  7  DM5 DM5 A . 
C 3 HOH 1  8  8  HOH HOH A . 
C 3 HOH 2  9  9  HOH HOH A . 
C 3 HOH 3  10 10 HOH HOH A . 
C 3 HOH 4  11 11 HOH HOH A . 
C 3 HOH 5  12 12 HOH HOH A . 
C 3 HOH 6  13 13 HOH HOH A . 
C 3 HOH 7  14 14 HOH HOH A . 
C 3 HOH 8  15 15 HOH HOH A . 
C 3 HOH 9  16 16 HOH HOH A . 
C 3 HOH 10 17 17 HOH HOH A . 
C 3 HOH 11 18 18 HOH HOH A . 
C 3 HOH 12 19 19 HOH HOH A . 
C 3 HOH 13 20 20 HOH HOH A . 
C 3 HOH 14 21 21 HOH HOH A . 
C 3 HOH 15 22 22 HOH HOH A . 
C 3 HOH 16 23 23 HOH HOH A . 
C 3 HOH 17 24 24 HOH HOH A . 
C 3 HOH 18 25 25 HOH HOH A . 
C 3 HOH 19 26 26 HOH HOH A . 
C 3 HOH 20 27 27 HOH HOH A . 
C 3 HOH 21 28 28 HOH HOH A . 
C 3 HOH 22 29 29 HOH HOH A . 
C 3 HOH 23 30 30 HOH HOH A . 
C 3 HOH 24 31 31 HOH HOH A . 
C 3 HOH 25 32 32 HOH HOH A . 
C 3 HOH 26 33 33 HOH HOH A . 
C 3 HOH 27 34 34 HOH HOH A . 
C 3 HOH 28 35 35 HOH HOH A . 
C 3 HOH 29 36 36 HOH HOH A . 
C 3 HOH 30 37 37 HOH HOH A . 
C 3 HOH 31 38 38 HOH HOH A . 
C 3 HOH 32 39 39 HOH HOH A . 
C 3 HOH 33 40 40 HOH HOH A . 
C 3 HOH 34 41 41 HOH HOH A . 
C 3 HOH 35 42 42 HOH HOH A . 
# 
_software.name             NUCLSQ 
_software.classification   refinement 
_software.version          . 
_software.citation_id      ? 
_software.pdbx_ordinal     1 
# 
_cell.entry_id           1D67 
_cell.length_a           28.190 
_cell.length_b           28.190 
_cell.length_c           52.770 
_cell.angle_alpha        90.00 
_cell.angle_beta         90.00 
_cell.angle_gamma        90.00 
_cell.Z_PDB              8 
_cell.pdbx_unique_axis   ? 
# 
_symmetry.entry_id                         1D67 
_symmetry.space_group_name_H-M             'P 41 21 2' 
_symmetry.pdbx_full_space_group_name_H-M   ? 
_symmetry.cell_setting                     ? 
_symmetry.Int_Tables_number                92 
# 
_exptl.entry_id          1D67 
_exptl.method            'X-RAY DIFFRACTION' 
_exptl.crystals_number   ? 
# 
_exptl_crystal.id                    1 
_exptl_crystal.density_meas          ? 
_exptl_crystal.density_Matthews      2.90 
_exptl_crystal.density_percent_sol   57.57 
_exptl_crystal.description           ? 
# 
_exptl_crystal_grow.crystal_id      1 
_exptl_crystal_grow.method          'VAPOR DIFFUSION' 
_exptl_crystal_grow.temp            295.00 
_exptl_crystal_grow.temp_details    ? 
_exptl_crystal_grow.pH              6.50 
_exptl_crystal_grow.pdbx_details    'pH 6.50, VAPOR DIFFUSION, temperature 295.00K' 
_exptl_crystal_grow.pdbx_pH_range   ? 
# 
loop_
_exptl_crystal_grow_comp.crystal_id 
_exptl_crystal_grow_comp.id 
_exptl_crystal_grow_comp.sol_id 
_exptl_crystal_grow_comp.name 
_exptl_crystal_grow_comp.volume 
_exptl_crystal_grow_comp.conc 
_exptl_crystal_grow_comp.details 
1 1 1 WATER           ? ? ? 
1 2 1 MPD             ? ? ? 
1 3 1 'NA CACODYLATE' ? ? ? 
1 4 1 'MG ACETATE'    ? ? ? 
1 5 1 SPERMINE_HCL    ? ? ? 
1 6 2 WATER           ? ? ? 
1 7 2 MPD             ? ? ? 
# 
_diffrn.id                     1 
_diffrn.crystal_id             1 
_diffrn.ambient_temp           ? 
_diffrn.ambient_temp_details   ? 
# 
_diffrn_detector.diffrn_id              1 
_diffrn_detector.detector               DIFFRACTOMETER 
_diffrn_detector.type                   'RIGAKU AFC-5' 
_diffrn_detector.pdbx_collection_date   ? 
_diffrn_detector.details                ? 
# 
_diffrn_radiation.diffrn_id                        1 
_diffrn_radiation.wavelength_id                    1 
_diffrn_radiation.pdbx_monochromatic_or_laue_m_l   ? 
_diffrn_radiation.monochromator                    ? 
_diffrn_radiation.pdbx_diffrn_protocol             ? 
_diffrn_radiation.pdbx_scattering_type             x-ray 
# 
_diffrn_radiation_wavelength.id           1 
_diffrn_radiation_wavelength.wavelength   . 
_diffrn_radiation_wavelength.wt           1.0 
# 
_diffrn_source.diffrn_id                   1 
_diffrn_source.source                      'ROTATING ANODE' 
_diffrn_source.type                        'RIGAKU RU200' 
_diffrn_source.pdbx_synchrotron_site       ? 
_diffrn_source.pdbx_synchrotron_beamline   ? 
_diffrn_source.pdbx_wavelength             ? 
_diffrn_source.pdbx_wavelength_list        ? 
# 
_reflns.entry_id                     1D67 
_reflns.observed_criterion_sigma_I   ? 
_reflns.observed_criterion_sigma_F   ? 
_reflns.d_resolution_low             ? 
_reflns.d_resolution_high            1.500 
_reflns.number_obs                   4578 
_reflns.number_all                   ? 
_reflns.percent_possible_obs         ? 
_reflns.pdbx_Rmerge_I_obs            ? 
_reflns.pdbx_Rsym_value              ? 
_reflns.pdbx_netI_over_sigmaI        ? 
_reflns.B_iso_Wilson_estimate        ? 
_reflns.pdbx_redundancy              ? 
_reflns.pdbx_diffrn_id               1 
_reflns.pdbx_ordinal                 1 
# 
_refine.entry_id                                 1D67 
_refine.ls_number_reflns_obs                     2032 
_refine.ls_number_reflns_all                     ? 
_refine.pdbx_ls_sigma_I                          ? 
_refine.pdbx_ls_sigma_F                          3.000 
_refine.pdbx_data_cutoff_high_absF               ? 
_refine.pdbx_data_cutoff_low_absF                ? 
_refine.pdbx_data_cutoff_high_rms_absF           ? 
_refine.ls_d_res_low                             8.000 
_refine.ls_d_res_high                            1.600 
_refine.ls_percent_reflns_obs                    ? 
_refine.ls_R_factor_obs                          0.2220000 
_refine.ls_R_factor_all                          ? 
_refine.ls_R_factor_R_work                       ? 
_refine.ls_R_factor_R_free                       ? 
_refine.ls_R_factor_R_free_error                 ? 
_refine.ls_R_factor_R_free_error_details         ? 
_refine.ls_percent_reflns_R_free                 ? 
_refine.ls_number_reflns_R_free                  ? 
_refine.ls_number_parameters                     ? 
_refine.ls_number_restraints                     ? 
_refine.occupancy_min                            ? 
_refine.occupancy_max                            ? 
_refine.B_iso_mean                               ? 
_refine.aniso_B[1][1]                            ? 
_refine.aniso_B[2][2]                            ? 
_refine.aniso_B[3][3]                            ? 
_refine.aniso_B[1][2]                            ? 
_refine.aniso_B[1][3]                            ? 
_refine.aniso_B[2][3]                            ? 
_refine.solvent_model_details                    ? 
_refine.solvent_model_param_ksol                 ? 
_refine.solvent_model_param_bsol                 ? 
_refine.pdbx_ls_cross_valid_method               ? 
_refine.details                                  ? 
_refine.pdbx_starting_model                      ? 
_refine.pdbx_method_to_determine_struct          ? 
_refine.pdbx_isotropic_thermal_model             ? 
_refine.pdbx_stereochemistry_target_values       ? 
_refine.pdbx_stereochem_target_val_spec_case     ? 
_refine.pdbx_R_Free_selection_details            ? 
_refine.pdbx_overall_ESU_R                       ? 
_refine.pdbx_overall_ESU_R_Free                  ? 
_refine.overall_SU_ML                            ? 
_refine.overall_SU_B                             ? 
_refine.pdbx_refine_id                           'X-RAY DIFFRACTION' 
_refine.pdbx_diffrn_id                           1 
_refine.pdbx_TLS_residual_ADP_flag               ? 
_refine.correlation_coeff_Fo_to_Fc               ? 
_refine.correlation_coeff_Fo_to_Fc_free          ? 
_refine.pdbx_solvent_vdw_probe_radii             ? 
_refine.pdbx_solvent_ion_probe_radii             ? 
_refine.pdbx_solvent_shrinkage_radii             ? 
_refine.pdbx_overall_phase_error                 ? 
_refine.overall_SU_R_Cruickshank_DPI             ? 
_refine.pdbx_overall_SU_R_free_Cruickshank_DPI   ? 
_refine.pdbx_overall_SU_R_Blow_DPI               ? 
_refine.pdbx_overall_SU_R_free_Blow_DPI          ? 
# 
_refine_hist.pdbx_refine_id                   'X-RAY DIFFRACTION' 
_refine_hist.cycle_id                         LAST 
_refine_hist.pdbx_number_atoms_protein        0 
_refine_hist.pdbx_number_atoms_nucleic_acid   120 
_refine_hist.pdbx_number_atoms_ligand         36 
_refine_hist.number_atoms_solvent             35 
_refine_hist.number_atoms_total               191 
_refine_hist.d_res_high                       1.600 
_refine_hist.d_res_low                        8.000 
# 
loop_
_refine_ls_restr.type 
_refine_ls_restr.dev_ideal 
_refine_ls_restr.dev_ideal_target 
_refine_ls_restr.weight 
_refine_ls_restr.number 
_refine_ls_restr.pdbx_refine_id 
_refine_ls_restr.pdbx_restraint_function 
n_bond_d               ?     ? ? ? 'X-RAY DIFFRACTION' ? 
n_angle_d              ?     ? ? ? 'X-RAY DIFFRACTION' ? 
n_planar_d             ?     ? ? ? 'X-RAY DIFFRACTION' ? 
n_hb_or_metal_coord    ?     ? ? ? 'X-RAY DIFFRACTION' ? 
n_sugar_bond_it        ?     ? ? ? 'X-RAY DIFFRACTION' ? 
n_sugar_angle_it       ?     ? ? ? 'X-RAY DIFFRACTION' ? 
n_phos_bond_it         ?     ? ? ? 'X-RAY DIFFRACTION' ? 
n_phos_angle_it        ?     ? ? ? 'X-RAY DIFFRACTION' ? 
n_bond_angle_restr     ?     ? ? ? 'X-RAY DIFFRACTION' ? 
n_dihedral_angle_restr ?     ? ? ? 'X-RAY DIFFRACTION' ? 
n_impr_tor             ?     ? ? ? 'X-RAY DIFFRACTION' ? 
n_sugar_bond_d         0.020 ? ? ? 'X-RAY DIFFRACTION' ? 
n_sugar_bond_angle_d   ?     ? ? ? 'X-RAY DIFFRACTION' ? 
n_phos_bond_d          0.030 ? ? ? 'X-RAY DIFFRACTION' ? 
n_phos_bond_angle_d    ?     ? ? ? 'X-RAY DIFFRACTION' ? 
n_plane_restr          ?     ? ? ? 'X-RAY DIFFRACTION' ? 
n_chiral_restr         ?     ? ? ? 'X-RAY DIFFRACTION' ? 
n_singtor_nbd          ?     ? ? ? 'X-RAY DIFFRACTION' ? 
n_multtor_nbd          ?     ? ? ? 'X-RAY DIFFRACTION' ? 
n_xhyhbond_nbd         ?     ? ? ? 'X-RAY DIFFRACTION' ? 
# 
_struct.entry_id                  1D67 
_struct.title                     'THE MOLECULAR STRUCTURE OF AN IDARUBICIN-D(TGATCA) COMPLEX AT HIGH RESOLUTION' 
_struct.pdbx_model_details        ? 
_struct.pdbx_CASP_flag            ? 
_struct.pdbx_model_type_details   ? 
# 
_struct_keywords.entry_id        1D67 
_struct_keywords.pdbx_keywords   DNA 
_struct_keywords.text            'RIGHT HANDED DNA, DOUBLE HELIX, COMPLEXED WITH DRUG, DNA' 
# 
loop_
_struct_asym.id 
_struct_asym.pdbx_blank_PDB_chainid_flag 
_struct_asym.pdbx_modified 
_struct_asym.entity_id 
_struct_asym.details 
A N N 1 ? 
B N N 2 ? 
C N N 3 ? 
# 
_struct_ref.id                         1 
_struct_ref.entity_id                  1 
_struct_ref.db_name                    PDB 
_struct_ref.db_code                    1D67 
_struct_ref.pdbx_db_accession          1D67 
_struct_ref.pdbx_db_isoform            ? 
_struct_ref.pdbx_seq_one_letter_code   ? 
_struct_ref.pdbx_align_begin           ? 
# 
_struct_ref_seq.align_id                      1 
_struct_ref_seq.ref_id                        1 
_struct_ref_seq.pdbx_PDB_id_code              1D67 
_struct_ref_seq.pdbx_strand_id                A 
_struct_ref_seq.seq_align_beg                 1 
_struct_ref_seq.pdbx_seq_align_beg_ins_code   ? 
_struct_ref_seq.seq_align_end                 6 
_struct_ref_seq.pdbx_seq_align_end_ins_code   ? 
_struct_ref_seq.pdbx_db_accession             1D67 
_struct_ref_seq.db_align_beg                  1 
_struct_ref_seq.pdbx_db_align_beg_ins_code    ? 
_struct_ref_seq.db_align_end                  6 
_struct_ref_seq.pdbx_db_align_end_ins_code    ? 
_struct_ref_seq.pdbx_auth_seq_align_beg       1 
_struct_ref_seq.pdbx_auth_seq_align_end       6 
# 
_pdbx_struct_assembly.id                   1 
_pdbx_struct_assembly.details              author_defined_assembly 
_pdbx_struct_assembly.method_details       ? 
_pdbx_struct_assembly.oligomeric_details   dimeric 
_pdbx_struct_assembly.oligomeric_count     2 
# 
_pdbx_struct_assembly_gen.assembly_id       1 
_pdbx_struct_assembly_gen.oper_expression   1,2 
_pdbx_struct_assembly_gen.asym_id_list      A,B,C 
# 
loop_
_pdbx_struct_oper_list.id 
_pdbx_struct_oper_list.type 
_pdbx_struct_oper_list.name 
_pdbx_struct_oper_list.symmetry_operation 
_pdbx_struct_oper_list.matrix[1][1] 
_pdbx_struct_oper_list.matrix[1][2] 
_pdbx_struct_oper_list.matrix[1][3] 
_pdbx_struct_oper_list.vector[1] 
_pdbx_struct_oper_list.matrix[2][1] 
_pdbx_struct_oper_list.matrix[2][2] 
_pdbx_struct_oper_list.matrix[2][3] 
_pdbx_struct_oper_list.vector[2] 
_pdbx_struct_oper_list.matrix[3][1] 
_pdbx_struct_oper_list.matrix[3][2] 
_pdbx_struct_oper_list.matrix[3][3] 
_pdbx_struct_oper_list.vector[3] 
1 'identity operation'         1_555 x,y,z        1.0000000000  0.0000000000 0.0000000000 0.0000000000  0.0000000000 1.0000000000  0.0000000000 0.0000000000  0.0000000000 0.0000000000 1.0000000000 0.0000000000 
2 'crystal symmetry operation' 8_555 -y,-x,-z+1/2 -0.9145622957 0.0020883234 0.4044396695 -5.2738007607 0.0020883234 -0.9999489559 0.0098855749 -1.3004899686 0.4044396695 0.0098855749 0.9145112515 1.1208031949 
# 
_struct_biol.id   1 
# 
loop_
_struct_conn.id 
_struct_conn.conn_type_id 
_struct_conn.pdbx_leaving_atom_flag 
_struct_conn.pdbx_PDB_id 
_struct_conn.ptnr1_label_asym_id 
_struct_conn.ptnr1_label_comp_id 
_struct_conn.ptnr1_label_seq_id 
_struct_conn.ptnr1_label_atom_id 
_struct_conn.pdbx_ptnr1_label_alt_id 
_struct_conn.pdbx_ptnr1_PDB_ins_code 
_struct_conn.pdbx_ptnr1_standard_comp_id 
_struct_conn.ptnr1_symmetry 
_struct_conn.ptnr2_label_asym_id 
_struct_conn.ptnr2_label_comp_id 
_struct_conn.ptnr2_label_seq_id 
_struct_conn.ptnr2_label_atom_id 
_struct_conn.pdbx_ptnr2_label_alt_id 
_struct_conn.pdbx_ptnr2_PDB_ins_code 
_struct_conn.ptnr1_auth_asym_id 
_struct_conn.ptnr1_auth_comp_id 
_struct_conn.ptnr1_auth_seq_id 
_struct_conn.ptnr2_auth_asym_id 
_struct_conn.ptnr2_auth_comp_id 
_struct_conn.ptnr2_auth_seq_id 
_struct_conn.ptnr2_symmetry 
_struct_conn.pdbx_ptnr3_label_atom_id 
_struct_conn.pdbx_ptnr3_label_seq_id 
_struct_conn.pdbx_ptnr3_label_comp_id 
_struct_conn.pdbx_ptnr3_label_asym_id 
_struct_conn.pdbx_ptnr3_label_alt_id 
_struct_conn.pdbx_ptnr3_PDB_ins_code 
_struct_conn.details 
_struct_conn.pdbx_dist_value 
_struct_conn.pdbx_value_order 
_struct_conn.pdbx_role 
hydrog1  hydrog ? ? A DT 1 N3 ? ? ? 1_555 A DA 6 N1 ? ? A DT 1 A DA 6 8_555 ? ? ? ? ? ? WATSON-CRICK ? ? ? 
hydrog2  hydrog ? ? A DT 1 O4 ? ? ? 1_555 A DA 6 N6 ? ? A DT 1 A DA 6 8_555 ? ? ? ? ? ? WATSON-CRICK ? ? ? 
hydrog3  hydrog ? ? A DG 2 N1 ? ? ? 1_555 A DC 5 N3 ? ? A DG 2 A DC 5 8_555 ? ? ? ? ? ? WATSON-CRICK ? ? ? 
hydrog4  hydrog ? ? A DG 2 N2 ? ? ? 1_555 A DC 5 O2 ? ? A DG 2 A DC 5 8_555 ? ? ? ? ? ? WATSON-CRICK ? ? ? 
hydrog5  hydrog ? ? A DG 2 O6 ? ? ? 1_555 A DC 5 N4 ? ? A DG 2 A DC 5 8_555 ? ? ? ? ? ? WATSON-CRICK ? ? ? 
hydrog6  hydrog ? ? A DA 3 N1 ? ? ? 1_555 A DT 4 N3 ? ? A DA 3 A DT 4 8_555 ? ? ? ? ? ? WATSON-CRICK ? ? ? 
hydrog7  hydrog ? ? A DA 3 N6 ? ? ? 1_555 A DT 4 O4 ? ? A DA 3 A DT 4 8_555 ? ? ? ? ? ? WATSON-CRICK ? ? ? 
hydrog8  hydrog ? ? A DT 4 N3 ? ? ? 1_555 A DA 3 N1 ? ? A DT 4 A DA 3 8_555 ? ? ? ? ? ? WATSON-CRICK ? ? ? 
hydrog9  hydrog ? ? A DT 4 O4 ? ? ? 1_555 A DA 3 N6 ? ? A DT 4 A DA 3 8_555 ? ? ? ? ? ? WATSON-CRICK ? ? ? 
hydrog10 hydrog ? ? A DC 5 N3 ? ? ? 1_555 A DG 2 N1 ? ? A DC 5 A DG 2 8_555 ? ? ? ? ? ? WATSON-CRICK ? ? ? 
hydrog11 hydrog ? ? A DC 5 N4 ? ? ? 1_555 A DG 2 O6 ? ? A DC 5 A DG 2 8_555 ? ? ? ? ? ? WATSON-CRICK ? ? ? 
hydrog12 hydrog ? ? A DC 5 O2 ? ? ? 1_555 A DG 2 N2 ? ? A DC 5 A DG 2 8_555 ? ? ? ? ? ? WATSON-CRICK ? ? ? 
hydrog13 hydrog ? ? A DA 6 N1 ? ? ? 1_555 A DT 1 N3 ? ? A DA 6 A DT 1 8_555 ? ? ? ? ? ? WATSON-CRICK ? ? ? 
hydrog14 hydrog ? ? A DA 6 N6 ? ? ? 1_555 A DT 1 O4 ? ? A DA 6 A DT 1 8_555 ? ? ? ? ? ? WATSON-CRICK ? ? ? 
# 
_struct_conn_type.id          hydrog 
_struct_conn_type.criteria    ? 
_struct_conn_type.reference   ? 
# 
loop_
_struct_site.id 
_struct_site.pdbx_evidence_code 
_struct_site.pdbx_auth_asym_id 
_struct_site.pdbx_auth_comp_id 
_struct_site.pdbx_auth_seq_id 
_struct_site.pdbx_auth_ins_code 
_struct_site.pdbx_num_residues 
_struct_site.details 
AC1 Software A DM5 7 ? 10 'BINDING SITE FOR RESIDUE DM5 A 7' 
1   ?        ? ?   ? ? ?  ?                                  
# 
loop_
_struct_site_gen.id 
_struct_site_gen.site_id 
_struct_site_gen.pdbx_num_res 
_struct_site_gen.label_comp_id 
_struct_site_gen.label_asym_id 
_struct_site_gen.label_seq_id 
_struct_site_gen.pdbx_auth_ins_code 
_struct_site_gen.auth_comp_id 
_struct_site_gen.auth_asym_id 
_struct_site_gen.auth_seq_id 
_struct_site_gen.label_atom_id 
_struct_site_gen.label_alt_id 
_struct_site_gen.symmetry 
_struct_site_gen.details 
1  AC1 10 DT  A 1 ? DT  A 1  . ? 8_555 ? 
2  AC1 10 DG  A 2 ? DG  A 2  . ? 8_555 ? 
3  AC1 10 DA  A 3 ? DA  A 3  . ? 8_555 ? 
4  AC1 10 DT  A 4 ? DT  A 4  . ? 1_555 ? 
5  AC1 10 DC  A 5 ? DC  A 5  . ? 1_555 ? 
6  AC1 10 DA  A 6 ? DA  A 6  . ? 1_555 ? 
7  AC1 10 HOH C . ? HOH A 17 . ? 1_555 ? 
8  AC1 10 HOH C . ? HOH A 18 . ? 1_555 ? 
9  AC1 10 HOH C . ? HOH A 33 . ? 1_555 ? 
10 AC1 10 HOH C . ? HOH A 42 . ? 8_555 ? 
# 
loop_
_pdbx_validate_rmsd_bond.id 
_pdbx_validate_rmsd_bond.PDB_model_num 
_pdbx_validate_rmsd_bond.auth_atom_id_1 
_pdbx_validate_rmsd_bond.auth_asym_id_1 
_pdbx_validate_rmsd_bond.auth_comp_id_1 
_pdbx_validate_rmsd_bond.auth_seq_id_1 
_pdbx_validate_rmsd_bond.PDB_ins_code_1 
_pdbx_validate_rmsd_bond.label_alt_id_1 
_pdbx_validate_rmsd_bond.auth_atom_id_2 
_pdbx_validate_rmsd_bond.auth_asym_id_2 
_pdbx_validate_rmsd_bond.auth_comp_id_2 
_pdbx_validate_rmsd_bond.auth_seq_id_2 
_pdbx_validate_rmsd_bond.PDB_ins_code_2 
_pdbx_validate_rmsd_bond.label_alt_id_2 
_pdbx_validate_rmsd_bond.bond_value 
_pdbx_validate_rmsd_bond.bond_target_value 
_pdbx_validate_rmsd_bond.bond_deviation 
_pdbx_validate_rmsd_bond.bond_standard_deviation 
_pdbx_validate_rmsd_bond.linker_flag 
1 1 C6    A DG 2 ? ? N1    A DG 2 ? ? 1.335 1.391 -0.056 0.007 N 
2 1 "O4'" A DT 4 ? ? "C1'" A DT 4 ? ? 1.510 1.420 0.090  0.011 N 
3 1 "O4'" A DT 4 ? ? "C4'" A DT 4 ? ? 1.372 1.446 -0.074 0.010 N 
4 1 C6    A DA 6 ? ? N1    A DA 6 ? ? 1.431 1.351 0.080  0.007 N 
# 
loop_
_pdbx_validate_rmsd_angle.id 
_pdbx_validate_rmsd_angle.PDB_model_num 
_pdbx_validate_rmsd_angle.auth_atom_id_1 
_pdbx_validate_rmsd_angle.auth_asym_id_1 
_pdbx_validate_rmsd_angle.auth_comp_id_1 
_pdbx_validate_rmsd_angle.auth_seq_id_1 
_pdbx_validate_rmsd_angle.PDB_ins_code_1 
_pdbx_validate_rmsd_angle.label_alt_id_1 
_pdbx_validate_rmsd_angle.auth_atom_id_2 
_pdbx_validate_rmsd_angle.auth_asym_id_2 
_pdbx_validate_rmsd_angle.auth_comp_id_2 
_pdbx_validate_rmsd_angle.auth_seq_id_2 
_pdbx_validate_rmsd_angle.PDB_ins_code_2 
_pdbx_validate_rmsd_angle.label_alt_id_2 
_pdbx_validate_rmsd_angle.auth_atom_id_3 
_pdbx_validate_rmsd_angle.auth_asym_id_3 
_pdbx_validate_rmsd_angle.auth_comp_id_3 
_pdbx_validate_rmsd_angle.auth_seq_id_3 
_pdbx_validate_rmsd_angle.PDB_ins_code_3 
_pdbx_validate_rmsd_angle.label_alt_id_3 
_pdbx_validate_rmsd_angle.angle_value 
_pdbx_validate_rmsd_angle.angle_target_value 
_pdbx_validate_rmsd_angle.angle_deviation 
_pdbx_validate_rmsd_angle.angle_standard_deviation 
_pdbx_validate_rmsd_angle.linker_flag 
1  1 "O5'" A DT 1 ? ? "C5'" A DT 1 ? ? "C4'" A DT 1 ? ? 104.35 109.40 -5.05 0.80 N 
2  1 C2    A DT 1 ? ? N3    A DT 1 ? ? C4    A DT 1 ? ? 122.67 127.20 -4.53 0.60 N 
3  1 N3    A DT 1 ? ? C4    A DT 1 ? ? C5    A DT 1 ? ? 118.96 115.20 3.76  0.60 N 
4  1 "C3'" A DG 2 ? ? "C2'" A DG 2 ? ? "C1'" A DG 2 ? ? 97.33  102.40 -5.07 0.80 N 
5  1 "O4'" A DG 2 ? ? "C1'" A DG 2 ? ? N9    A DG 2 ? ? 113.89 108.30 5.59  0.30 N 
6  1 "O5'" A DA 3 ? ? "C5'" A DA 3 ? ? "C4'" A DA 3 ? ? 101.15 109.40 -8.25 0.80 N 
7  1 "O4'" A DT 4 ? ? "C1'" A DT 4 ? ? "C2'" A DT 4 ? ? 100.60 105.90 -5.30 0.80 N 
8  1 "O4'" A DT 4 ? ? "C1'" A DT 4 ? ? N1    A DT 4 ? ? 101.91 108.00 -6.09 0.70 N 
9  1 "O5'" A DC 5 ? ? "C5'" A DC 5 ? ? "C4'" A DC 5 ? ? 100.66 109.40 -8.74 0.80 N 
10 1 "O4'" A DC 5 ? ? "C1'" A DC 5 ? ? N1    A DC 5 ? ? 126.42 108.30 18.12 0.30 N 
11 1 C5    A DA 6 ? ? C6    A DA 6 ? ? N1    A DA 6 ? ? 114.32 117.70 -3.38 0.50 N 
# 
_struct_site_keywords.site_id   1 
_struct_site_keywords.text      INTERCALATION 
# 
loop_
_refine_B_iso.class 
_refine_B_iso.details 
_refine_B_iso.treatment 
_refine_B_iso.pdbx_refine_id 
'ALL ATOMS'  TR isotropic 'X-RAY DIFFRACTION' 
'ALL WATERS' TR isotropic 'X-RAY DIFFRACTION' 
# 
loop_
_refine_occupancy.class 
_refine_occupancy.treatment 
_refine_occupancy.pdbx_refine_id 
'ALL ATOMS'  fix 'X-RAY DIFFRACTION' 
'ALL WATERS' fix 'X-RAY DIFFRACTION' 
# 
loop_
_chem_comp_atom.comp_id 
_chem_comp_atom.atom_id 
_chem_comp_atom.type_symbol 
_chem_comp_atom.pdbx_aromatic_flag 
_chem_comp_atom.pdbx_stereo_config 
_chem_comp_atom.pdbx_ordinal 
DA  OP3    O N N 1   
DA  P      P N N 2   
DA  OP1    O N N 3   
DA  OP2    O N N 4   
DA  "O5'"  O N N 5   
DA  "C5'"  C N N 6   
DA  "C4'"  C N R 7   
DA  "O4'"  O N N 8   
DA  "C3'"  C N S 9   
DA  "O3'"  O N N 10  
DA  "C2'"  C N N 11  
DA  "C1'"  C N R 12  
DA  N9     N Y N 13  
DA  C8     C Y N 14  
DA  N7     N Y N 15  
DA  C5     C Y N 16  
DA  C6     C Y N 17  
DA  N6     N N N 18  
DA  N1     N Y N 19  
DA  C2     C Y N 20  
DA  N3     N Y N 21  
DA  C4     C Y N 22  
DA  HOP3   H N N 23  
DA  HOP2   H N N 24  
DA  "H5'"  H N N 25  
DA  "H5''" H N N 26  
DA  "H4'"  H N N 27  
DA  "H3'"  H N N 28  
DA  "HO3'" H N N 29  
DA  "H2'"  H N N 30  
DA  "H2''" H N N 31  
DA  "H1'"  H N N 32  
DA  H8     H N N 33  
DA  H61    H N N 34  
DA  H62    H N N 35  
DA  H2     H N N 36  
DC  OP3    O N N 37  
DC  P      P N N 38  
DC  OP1    O N N 39  
DC  OP2    O N N 40  
DC  "O5'"  O N N 41  
DC  "C5'"  C N N 42  
DC  "C4'"  C N R 43  
DC  "O4'"  O N N 44  
DC  "C3'"  C N S 45  
DC  "O3'"  O N N 46  
DC  "C2'"  C N N 47  
DC  "C1'"  C N R 48  
DC  N1     N N N 49  
DC  C2     C N N 50  
DC  O2     O N N 51  
DC  N3     N N N 52  
DC  C4     C N N 53  
DC  N4     N N N 54  
DC  C5     C N N 55  
DC  C6     C N N 56  
DC  HOP3   H N N 57  
DC  HOP2   H N N 58  
DC  "H5'"  H N N 59  
DC  "H5''" H N N 60  
DC  "H4'"  H N N 61  
DC  "H3'"  H N N 62  
DC  "HO3'" H N N 63  
DC  "H2'"  H N N 64  
DC  "H2''" H N N 65  
DC  "H1'"  H N N 66  
DC  H41    H N N 67  
DC  H42    H N N 68  
DC  H5     H N N 69  
DC  H6     H N N 70  
DG  OP3    O N N 71  
DG  P      P N N 72  
DG  OP1    O N N 73  
DG  OP2    O N N 74  
DG  "O5'"  O N N 75  
DG  "C5'"  C N N 76  
DG  "C4'"  C N R 77  
DG  "O4'"  O N N 78  
DG  "C3'"  C N S 79  
DG  "O3'"  O N N 80  
DG  "C2'"  C N N 81  
DG  "C1'"  C N R 82  
DG  N9     N Y N 83  
DG  C8     C Y N 84  
DG  N7     N Y N 85  
DG  C5     C Y N 86  
DG  C6     C N N 87  
DG  O6     O N N 88  
DG  N1     N N N 89  
DG  C2     C N N 90  
DG  N2     N N N 91  
DG  N3     N N N 92  
DG  C4     C Y N 93  
DG  HOP3   H N N 94  
DG  HOP2   H N N 95  
DG  "H5'"  H N N 96  
DG  "H5''" H N N 97  
DG  "H4'"  H N N 98  
DG  "H3'"  H N N 99  
DG  "HO3'" H N N 100 
DG  "H2'"  H N N 101 
DG  "H2''" H N N 102 
DG  "H1'"  H N N 103 
DG  H8     H N N 104 
DG  H1     H N N 105 
DG  H21    H N N 106 
DG  H22    H N N 107 
DM5 C1     C Y N 108 
DM5 C2     C Y N 109 
DM5 C3     C Y N 110 
DM5 C4     C Y N 111 
DM5 C5     C Y N 112 
DM5 C6     C N N 113 
DM5 O6     O N N 114 
DM5 C7     C Y N 115 
DM5 C8     C Y N 116 
DM5 O8     O N N 117 
DM5 C9     C Y N 118 
DM5 C10    C N S 119 
DM5 O10    O N N 120 
DM5 C11    C N N 121 
DM5 C12    C N S 122 
DM5 O12    O N N 123 
DM5 C13    C N N 124 
DM5 O13    O N N 125 
DM5 C14    C N N 126 
DM5 C15    C N N 127 
DM5 C16    C Y N 128 
DM5 C17    C Y N 129 
DM5 O17    O N N 130 
DM5 C18    C Y N 131 
DM5 C19    C N N 132 
DM5 O19    O N N 133 
DM5 C20    C Y N 134 
DM5 "C1'"  C N R 135 
DM5 "C2'"  C N N 136 
DM5 "C3'"  C N S 137 
DM5 "N3'"  N N N 138 
DM5 "C4'"  C N S 139 
DM5 "O4'"  O N N 140 
DM5 "C5'"  C N S 141 
DM5 "O5'"  O N N 142 
DM5 "C6'"  C N N 143 
DM5 H1     H N N 144 
DM5 H2     H N N 145 
DM5 H3     H N N 146 
DM5 H4     H N N 147 
DM5 HO8    H N N 148 
DM5 H10    H N N 149 
DM5 H111   H N N 150 
DM5 H112   H N N 151 
DM5 HO12   H N N 152 
DM5 H141   H N N 153 
DM5 H142   H N N 154 
DM5 H143   H N N 155 
DM5 H151   H N N 156 
DM5 H152   H N N 157 
DM5 HO17   H N N 158 
DM5 "H1'"  H N N 159 
DM5 "H2'1" H N N 160 
DM5 "H2'2" H N N 161 
DM5 "H3'"  H N N 162 
DM5 "HN'1" H N N 163 
DM5 "HN'2" H N N 164 
DM5 "H4'"  H N N 165 
DM5 "HO4'" H N N 166 
DM5 "H5'"  H N N 167 
DM5 "H6'1" H N N 168 
DM5 "H6'2" H N N 169 
DM5 "H6'3" H N N 170 
DT  OP3    O N N 171 
DT  P      P N N 172 
DT  OP1    O N N 173 
DT  OP2    O N N 174 
DT  "O5'"  O N N 175 
DT  "C5'"  C N N 176 
DT  "C4'"  C N R 177 
DT  "O4'"  O N N 178 
DT  "C3'"  C N S 179 
DT  "O3'"  O N N 180 
DT  "C2'"  C N N 181 
DT  "C1'"  C N R 182 
DT  N1     N N N 183 
DT  C2     C N N 184 
DT  O2     O N N 185 
DT  N3     N N N 186 
DT  C4     C N N 187 
DT  O4     O N N 188 
DT  C5     C N N 189 
DT  C7     C N N 190 
DT  C6     C N N 191 
DT  HOP3   H N N 192 
DT  HOP2   H N N 193 
DT  "H5'"  H N N 194 
DT  "H5''" H N N 195 
DT  "H4'"  H N N 196 
DT  "H3'"  H N N 197 
DT  "HO3'" H N N 198 
DT  "H2'"  H N N 199 
DT  "H2''" H N N 200 
DT  "H1'"  H N N 201 
DT  H3     H N N 202 
DT  H71    H N N 203 
DT  H72    H N N 204 
DT  H73    H N N 205 
DT  H6     H N N 206 
HOH O      O N N 207 
HOH H1     H N N 208 
HOH H2     H N N 209 
# 
loop_
_chem_comp_bond.comp_id 
_chem_comp_bond.atom_id_1 
_chem_comp_bond.atom_id_2 
_chem_comp_bond.value_order 
_chem_comp_bond.pdbx_aromatic_flag 
_chem_comp_bond.pdbx_stereo_config 
_chem_comp_bond.pdbx_ordinal 
DA  OP3   P      sing N N 1   
DA  OP3   HOP3   sing N N 2   
DA  P     OP1    doub N N 3   
DA  P     OP2    sing N N 4   
DA  P     "O5'"  sing N N 5   
DA  OP2   HOP2   sing N N 6   
DA  "O5'" "C5'"  sing N N 7   
DA  "C5'" "C4'"  sing N N 8   
DA  "C5'" "H5'"  sing N N 9   
DA  "C5'" "H5''" sing N N 10  
DA  "C4'" "O4'"  sing N N 11  
DA  "C4'" "C3'"  sing N N 12  
DA  "C4'" "H4'"  sing N N 13  
DA  "O4'" "C1'"  sing N N 14  
DA  "C3'" "O3'"  sing N N 15  
DA  "C3'" "C2'"  sing N N 16  
DA  "C3'" "H3'"  sing N N 17  
DA  "O3'" "HO3'" sing N N 18  
DA  "C2'" "C1'"  sing N N 19  
DA  "C2'" "H2'"  sing N N 20  
DA  "C2'" "H2''" sing N N 21  
DA  "C1'" N9     sing N N 22  
DA  "C1'" "H1'"  sing N N 23  
DA  N9    C8     sing Y N 24  
DA  N9    C4     sing Y N 25  
DA  C8    N7     doub Y N 26  
DA  C8    H8     sing N N 27  
DA  N7    C5     sing Y N 28  
DA  C5    C6     sing Y N 29  
DA  C5    C4     doub Y N 30  
DA  C6    N6     sing N N 31  
DA  C6    N1     doub Y N 32  
DA  N6    H61    sing N N 33  
DA  N6    H62    sing N N 34  
DA  N1    C2     sing Y N 35  
DA  C2    N3     doub Y N 36  
DA  C2    H2     sing N N 37  
DA  N3    C4     sing Y N 38  
DC  OP3   P      sing N N 39  
DC  OP3   HOP3   sing N N 40  
DC  P     OP1    doub N N 41  
DC  P     OP2    sing N N 42  
DC  P     "O5'"  sing N N 43  
DC  OP2   HOP2   sing N N 44  
DC  "O5'" "C5'"  sing N N 45  
DC  "C5'" "C4'"  sing N N 46  
DC  "C5'" "H5'"  sing N N 47  
DC  "C5'" "H5''" sing N N 48  
DC  "C4'" "O4'"  sing N N 49  
DC  "C4'" "C3'"  sing N N 50  
DC  "C4'" "H4'"  sing N N 51  
DC  "O4'" "C1'"  sing N N 52  
DC  "C3'" "O3'"  sing N N 53  
DC  "C3'" "C2'"  sing N N 54  
DC  "C3'" "H3'"  sing N N 55  
DC  "O3'" "HO3'" sing N N 56  
DC  "C2'" "C1'"  sing N N 57  
DC  "C2'" "H2'"  sing N N 58  
DC  "C2'" "H2''" sing N N 59  
DC  "C1'" N1     sing N N 60  
DC  "C1'" "H1'"  sing N N 61  
DC  N1    C2     sing N N 62  
DC  N1    C6     sing N N 63  
DC  C2    O2     doub N N 64  
DC  C2    N3     sing N N 65  
DC  N3    C4     doub N N 66  
DC  C4    N4     sing N N 67  
DC  C4    C5     sing N N 68  
DC  N4    H41    sing N N 69  
DC  N4    H42    sing N N 70  
DC  C5    C6     doub N N 71  
DC  C5    H5     sing N N 72  
DC  C6    H6     sing N N 73  
DG  OP3   P      sing N N 74  
DG  OP3   HOP3   sing N N 75  
DG  P     OP1    doub N N 76  
DG  P     OP2    sing N N 77  
DG  P     "O5'"  sing N N 78  
DG  OP2   HOP2   sing N N 79  
DG  "O5'" "C5'"  sing N N 80  
DG  "C5'" "C4'"  sing N N 81  
DG  "C5'" "H5'"  sing N N 82  
DG  "C5'" "H5''" sing N N 83  
DG  "C4'" "O4'"  sing N N 84  
DG  "C4'" "C3'"  sing N N 85  
DG  "C4'" "H4'"  sing N N 86  
DG  "O4'" "C1'"  sing N N 87  
DG  "C3'" "O3'"  sing N N 88  
DG  "C3'" "C2'"  sing N N 89  
DG  "C3'" "H3'"  sing N N 90  
DG  "O3'" "HO3'" sing N N 91  
DG  "C2'" "C1'"  sing N N 92  
DG  "C2'" "H2'"  sing N N 93  
DG  "C2'" "H2''" sing N N 94  
DG  "C1'" N9     sing N N 95  
DG  "C1'" "H1'"  sing N N 96  
DG  N9    C8     sing Y N 97  
DG  N9    C4     sing Y N 98  
DG  C8    N7     doub Y N 99  
DG  C8    H8     sing N N 100 
DG  N7    C5     sing Y N 101 
DG  C5    C6     sing N N 102 
DG  C5    C4     doub Y N 103 
DG  C6    O6     doub N N 104 
DG  C6    N1     sing N N 105 
DG  N1    C2     sing N N 106 
DG  N1    H1     sing N N 107 
DG  C2    N2     sing N N 108 
DG  C2    N3     doub N N 109 
DG  N2    H21    sing N N 110 
DG  N2    H22    sing N N 111 
DG  N3    C4     sing N N 112 
DM5 C1    C2     doub Y N 113 
DM5 C1    C20    sing Y N 114 
DM5 C1    H1     sing N N 115 
DM5 C2    C3     sing Y N 116 
DM5 C2    H2     sing N N 117 
DM5 C3    C4     doub Y N 118 
DM5 C3    H3     sing N N 119 
DM5 C4    C5     sing Y N 120 
DM5 C4    H4     sing N N 121 
DM5 C5    C6     sing N N 122 
DM5 C5    C20    doub Y N 123 
DM5 C6    O6     doub N N 124 
DM5 C6    C7     sing N N 125 
DM5 C7    C8     doub Y N 126 
DM5 C7    C18    sing Y N 127 
DM5 C8    O8     sing N N 128 
DM5 C8    C9     sing Y N 129 
DM5 O8    HO8    sing N N 130 
DM5 C9    C10    sing N N 131 
DM5 C9    C16    doub Y N 132 
DM5 C10   O10    sing N N 133 
DM5 C10   C11    sing N N 134 
DM5 C10   H10    sing N N 135 
DM5 O10   "C1'"  sing N N 136 
DM5 C11   C12    sing N N 137 
DM5 C11   H111   sing N N 138 
DM5 C11   H112   sing N N 139 
DM5 C12   O12    sing N N 140 
DM5 C12   C13    sing N N 141 
DM5 C12   C15    sing N N 142 
DM5 O12   HO12   sing N N 143 
DM5 C13   O13    doub N N 144 
DM5 C13   C14    sing N N 145 
DM5 C14   H141   sing N N 146 
DM5 C14   H142   sing N N 147 
DM5 C14   H143   sing N N 148 
DM5 C15   C16    sing N N 149 
DM5 C15   H151   sing N N 150 
DM5 C15   H152   sing N N 151 
DM5 C16   C17    sing Y N 152 
DM5 C17   O17    sing N N 153 
DM5 C17   C18    doub Y N 154 
DM5 O17   HO17   sing N N 155 
DM5 C18   C19    sing N N 156 
DM5 C19   O19    doub N N 157 
DM5 C19   C20    sing N N 158 
DM5 "C1'" "C2'"  sing N N 159 
DM5 "C1'" "O5'"  sing N N 160 
DM5 "C1'" "H1'"  sing N N 161 
DM5 "C2'" "C3'"  sing N N 162 
DM5 "C2'" "H2'1" sing N N 163 
DM5 "C2'" "H2'2" sing N N 164 
DM5 "C3'" "N3'"  sing N N 165 
DM5 "C3'" "C4'"  sing N N 166 
DM5 "C3'" "H3'"  sing N N 167 
DM5 "N3'" "HN'1" sing N N 168 
DM5 "N3'" "HN'2" sing N N 169 
DM5 "C4'" "O4'"  sing N N 170 
DM5 "C4'" "C5'"  sing N N 171 
DM5 "C4'" "H4'"  sing N N 172 
DM5 "O4'" "HO4'" sing N N 173 
DM5 "C5'" "O5'"  sing N N 174 
DM5 "C5'" "C6'"  sing N N 175 
DM5 "C5'" "H5'"  sing N N 176 
DM5 "C6'" "H6'1" sing N N 177 
DM5 "C6'" "H6'2" sing N N 178 
DM5 "C6'" "H6'3" sing N N 179 
DT  OP3   P      sing N N 180 
DT  OP3   HOP3   sing N N 181 
DT  P     OP1    doub N N 182 
DT  P     OP2    sing N N 183 
DT  P     "O5'"  sing N N 184 
DT  OP2   HOP2   sing N N 185 
DT  "O5'" "C5'"  sing N N 186 
DT  "C5'" "C4'"  sing N N 187 
DT  "C5'" "H5'"  sing N N 188 
DT  "C5'" "H5''" sing N N 189 
DT  "C4'" "O4'"  sing N N 190 
DT  "C4'" "C3'"  sing N N 191 
DT  "C4'" "H4'"  sing N N 192 
DT  "O4'" "C1'"  sing N N 193 
DT  "C3'" "O3'"  sing N N 194 
DT  "C3'" "C2'"  sing N N 195 
DT  "C3'" "H3'"  sing N N 196 
DT  "O3'" "HO3'" sing N N 197 
DT  "C2'" "C1'"  sing N N 198 
DT  "C2'" "H2'"  sing N N 199 
DT  "C2'" "H2''" sing N N 200 
DT  "C1'" N1     sing N N 201 
DT  "C1'" "H1'"  sing N N 202 
DT  N1    C2     sing N N 203 
DT  N1    C6     sing N N 204 
DT  C2    O2     doub N N 205 
DT  C2    N3     sing N N 206 
DT  N3    C4     sing N N 207 
DT  N3    H3     sing N N 208 
DT  C4    O4     doub N N 209 
DT  C4    C5     sing N N 210 
DT  C5    C7     sing N N 211 
DT  C5    C6     doub N N 212 
DT  C7    H71    sing N N 213 
DT  C7    H72    sing N N 214 
DT  C7    H73    sing N N 215 
DT  C6    H6     sing N N 216 
HOH O     H1     sing N N 217 
HOH O     H2     sing N N 218 
# 
_ndb_struct_conf_na.entry_id   1D67 
_ndb_struct_conf_na.feature    'b-form double helix' 
# 
loop_
_ndb_struct_na_base_pair.model_number 
_ndb_struct_na_base_pair.i_label_asym_id 
_ndb_struct_na_base_pair.i_label_comp_id 
_ndb_struct_na_base_pair.i_label_seq_id 
_ndb_struct_na_base_pair.i_symmetry 
_ndb_struct_na_base_pair.j_label_asym_id 
_ndb_struct_na_base_pair.j_label_comp_id 
_ndb_struct_na_base_pair.j_label_seq_id 
_ndb_struct_na_base_pair.j_symmetry 
_ndb_struct_na_base_pair.shear 
_ndb_struct_na_base_pair.stretch 
_ndb_struct_na_base_pair.stagger 
_ndb_struct_na_base_pair.buckle 
_ndb_struct_na_base_pair.propeller 
_ndb_struct_na_base_pair.opening 
_ndb_struct_na_base_pair.pair_number 
_ndb_struct_na_base_pair.pair_name 
_ndb_struct_na_base_pair.i_auth_asym_id 
_ndb_struct_na_base_pair.i_auth_seq_id 
_ndb_struct_na_base_pair.i_PDB_ins_code 
_ndb_struct_na_base_pair.j_auth_asym_id 
_ndb_struct_na_base_pair.j_auth_seq_id 
_ndb_struct_na_base_pair.j_PDB_ins_code 
_ndb_struct_na_base_pair.hbond_type_28 
_ndb_struct_na_base_pair.hbond_type_12 
1 A DT 1 1_555 A DA 6 8_555 -0.087 -0.191 -0.039 8.992   0.503  1.140  1 A_DT1:DA6_A A 1 ? A 6 ? 20 1 
1 A DG 2 1_555 A DC 5 8_555 -0.113 -0.158 -0.418 -15.554 -0.088 -1.459 2 A_DG2:DC5_A A 2 ? A 5 ? 19 1 
1 A DA 3 1_555 A DT 4 8_555 0.068  -0.168 -0.034 -10.942 -2.536 2.551  3 A_DA3:DT4_A A 3 ? A 4 ? 20 1 
1 A DT 4 1_555 A DA 3 8_555 -0.068 -0.168 -0.034 10.942  -2.536 2.551  4 A_DT4:DA3_A A 4 ? A 3 ? 20 1 
1 A DC 5 1_555 A DG 2 8_555 0.113  -0.158 -0.418 15.554  -0.088 -1.459 5 A_DC5:DG2_A A 5 ? A 2 ? 19 1 
1 A DA 6 1_555 A DT 1 8_555 0.087  -0.191 -0.039 -8.992  0.503  1.140  6 A_DA6:DT1_A A 6 ? A 1 ? 20 1 
# 
loop_
_ndb_struct_na_base_pair_step.model_number 
_ndb_struct_na_base_pair_step.i_label_asym_id_1 
_ndb_struct_na_base_pair_step.i_label_comp_id_1 
_ndb_struct_na_base_pair_step.i_label_seq_id_1 
_ndb_struct_na_base_pair_step.i_symmetry_1 
_ndb_struct_na_base_pair_step.j_label_asym_id_1 
_ndb_struct_na_base_pair_step.j_label_comp_id_1 
_ndb_struct_na_base_pair_step.j_label_seq_id_1 
_ndb_struct_na_base_pair_step.j_symmetry_1 
_ndb_struct_na_base_pair_step.i_label_asym_id_2 
_ndb_struct_na_base_pair_step.i_label_comp_id_2 
_ndb_struct_na_base_pair_step.i_label_seq_id_2 
_ndb_struct_na_base_pair_step.i_symmetry_2 
_ndb_struct_na_base_pair_step.j_label_asym_id_2 
_ndb_struct_na_base_pair_step.j_label_comp_id_2 
_ndb_struct_na_base_pair_step.j_label_seq_id_2 
_ndb_struct_na_base_pair_step.j_symmetry_2 
_ndb_struct_na_base_pair_step.shift 
_ndb_struct_na_base_pair_step.slide 
_ndb_struct_na_base_pair_step.rise 
_ndb_struct_na_base_pair_step.tilt 
_ndb_struct_na_base_pair_step.roll 
_ndb_struct_na_base_pair_step.twist 
_ndb_struct_na_base_pair_step.x_displacement 
_ndb_struct_na_base_pair_step.y_displacement 
_ndb_struct_na_base_pair_step.helical_rise 
_ndb_struct_na_base_pair_step.inclination 
_ndb_struct_na_base_pair_step.tip 
_ndb_struct_na_base_pair_step.helical_twist 
_ndb_struct_na_base_pair_step.step_number 
_ndb_struct_na_base_pair_step.step_name 
_ndb_struct_na_base_pair_step.i_auth_asym_id_1 
_ndb_struct_na_base_pair_step.i_auth_seq_id_1 
_ndb_struct_na_base_pair_step.i_PDB_ins_code_1 
_ndb_struct_na_base_pair_step.j_auth_asym_id_1 
_ndb_struct_na_base_pair_step.j_auth_seq_id_1 
_ndb_struct_na_base_pair_step.j_PDB_ins_code_1 
_ndb_struct_na_base_pair_step.i_auth_asym_id_2 
_ndb_struct_na_base_pair_step.i_auth_seq_id_2 
_ndb_struct_na_base_pair_step.i_PDB_ins_code_2 
_ndb_struct_na_base_pair_step.j_auth_asym_id_2 
_ndb_struct_na_base_pair_step.j_auth_seq_id_2 
_ndb_struct_na_base_pair_step.j_PDB_ins_code_2 
1 A DT 1 1_555 A DA 6 8_555 A DG 2 1_555 A DC 5 8_555 1.012  1.137  7.032 2.954  -0.331 35.369 1.969  -0.727 7.080 -0.544 -4.852  
35.490 1 AA_DT1DG2:DC5DA6_AA A 1 ? A 6 ? A 2 ? A 5 ? 
1 A DG 2 1_555 A DC 5 8_555 A DA 3 1_555 A DT 4 8_555 -1.280 0.663  3.277 -6.290 -0.193 30.818 1.260  1.137  3.460 -0.358 11.683  
31.439 2 AA_DG2DA3:DT4DC5_AA A 2 ? A 5 ? A 3 ? A 4 ? 
1 A DA 3 1_555 A DT 4 8_555 A DT 4 1_555 A DA 3 8_555 0.000  -0.487 2.887 0.000  3.206  32.510 -1.352 0.000  2.827 5.709  0.000   
32.663 3 AA_DA3DT4:DA3DT4_AA A 3 ? A 4 ? A 4 ? A 3 ? 
1 A DT 4 1_555 A DA 3 8_555 A DC 5 1_555 A DG 2 8_555 1.280  0.663  3.277 6.290  -0.193 30.818 1.260  -1.137 3.460 -0.358 -11.683 
31.439 4 AA_DT4DC5:DG2DA3_AA A 4 ? A 3 ? A 5 ? A 2 ? 
1 A DC 5 1_555 A DG 2 8_555 A DA 6 1_555 A DT 1 8_555 -1.012 1.137  7.032 -2.954 -0.331 35.369 1.969  0.727  7.080 -0.544 4.852   
35.490 5 AA_DC5DA6:DT1DG2_AA A 5 ? A 2 ? A 6 ? A 1 ? 
# 
_atom_sites.entry_id                    1D67 
_atom_sites.fract_transf_matrix[1][1]   0.02226214 
_atom_sites.fract_transf_matrix[1][2]   0.01812287 
_atom_sites.fract_transf_matrix[1][3]   0.02084138 
_atom_sites.fract_transf_matrix[2][1]   0.01189319 
_atom_sites.fract_transf_matrix[2][2]   0.01786943 
_atom_sites.fract_transf_matrix[2][3]   -0.02824253 
_atom_sites.fract_transf_matrix[3][1]   -0.01331584 
_atom_sites.fract_transf_matrix[3][2]   0.01320064 
_atom_sites.fract_transf_matrix[3][3]   0.00274480 
_atom_sites.fract_transf_vector[1]      -0.415926 
_atom_sites.fract_transf_vector[2]      0.533541 
_atom_sites.fract_transf_vector[3]      0.221931 
# 
loop_
_atom_type.symbol 
C 
N 
O 
P 
# 
loop_
_atom_site.group_PDB 
_atom_site.id 
_atom_site.type_symbol 
_atom_site.label_atom_id 
_atom_site.label_alt_id 
_atom_site.label_comp_id 
_atom_site.label_asym_id 
_atom_site.label_entity_id 
_atom_site.label_seq_id 
_atom_site.pdbx_PDB_ins_code 
_atom_site.Cartn_x 
_atom_site.Cartn_y 
_atom_site.Cartn_z 
_atom_site.occupancy 
_atom_site.B_iso_or_equiv 
_atom_site.pdbx_formal_charge 
_atom_site.auth_seq_id 
_atom_site.auth_comp_id 
_atom_site.auth_asym_id 
_atom_site.auth_atom_id 
_atom_site.pdbx_PDB_model_num 
ATOM   1   O "O5'" . DT  A 1 1 ? -10.829 7.344   -6.838 1.00 31.11 ? 1  DT  A "O5'" 1 
ATOM   2   C "C5'" . DT  A 1 1 ? -10.420 8.706   -7.111 1.00 22.87 ? 1  DT  A "C5'" 1 
ATOM   3   C "C4'" . DT  A 1 1 ? -9.844  9.186   -5.820 1.00 25.12 ? 1  DT  A "C4'" 1 
ATOM   4   O "O4'" . DT  A 1 1 ? -10.724 9.099   -4.752 1.00 19.23 ? 1  DT  A "O4'" 1 
ATOM   5   C "C3'" . DT  A 1 1 ? -8.495  8.591   -5.377 1.00 24.04 ? 1  DT  A "C3'" 1 
ATOM   6   O "O3'" . DT  A 1 1 ? -7.557  9.678   -5.290 1.00 26.82 ? 1  DT  A "O3'" 1 
ATOM   7   C "C2'" . DT  A 1 1 ? -8.762  8.052   -3.972 1.00 20.33 ? 1  DT  A "C2'" 1 
ATOM   8   C "C1'" . DT  A 1 1 ? -9.992  8.851   -3.542 1.00 13.54 ? 1  DT  A "C1'" 1 
ATOM   9   N N1    . DT  A 1 1 ? -10.851 7.960   -2.733 1.00 13.26 ? 1  DT  A N1    1 
ATOM   10  C C2    . DT  A 1 1 ? -10.676 8.046   -1.355 1.00 11.15 ? 1  DT  A C2    1 
ATOM   11  O O2    . DT  A 1 1 ? -9.903  8.805   -0.815 1.00 15.09 ? 1  DT  A O2    1 
ATOM   12  N N3    . DT  A 1 1 ? -11.459 7.220   -0.592 1.00 9.98  ? 1  DT  A N3    1 
ATOM   13  C C4    . DT  A 1 1 ? -12.339 6.332   -1.135 1.00 7.13  ? 1  DT  A C4    1 
ATOM   14  O O4    . DT  A 1 1 ? -13.004 5.590   -0.359 1.00 14.19 ? 1  DT  A O4    1 
ATOM   15  C C5    . DT  A 1 1 ? -12.463 6.261   -2.563 1.00 10.24 ? 1  DT  A C5    1 
ATOM   16  C C7    . DT  A 1 1 ? -13.435 5.310   -3.217 1.00 14.94 ? 1  DT  A C7    1 
ATOM   17  C C6    . DT  A 1 1 ? -11.719 7.085   -3.319 1.00 11.39 ? 1  DT  A C6    1 
ATOM   18  P P     . DG  A 1 2 ? -6.202  9.694   -6.190 1.00 29.75 ? 2  DG  A P     1 
ATOM   19  O OP1   . DG  A 1 2 ? -5.878  11.156  -5.932 1.00 30.91 ? 2  DG  A OP1   1 
ATOM   20  O OP2   . DG  A 1 2 ? -6.382  9.182   -7.514 1.00 31.35 ? 2  DG  A OP2   1 
ATOM   21  O "O5'" . DG  A 1 2 ? -5.186  8.805   -5.326 1.00 23.16 ? 2  DG  A "O5'" 1 
ATOM   22  C "C5'" . DG  A 1 2 ? -5.021  9.349   -3.935 1.00 21.09 ? 2  DG  A "C5'" 1 
ATOM   23  C "C4'" . DG  A 1 2 ? -4.225  8.343   -3.138 1.00 21.42 ? 2  DG  A "C4'" 1 
ATOM   24  O "O4'" . DG  A 1 2 ? -5.040  7.283   -2.686 1.00 21.37 ? 2  DG  A "O4'" 1 
ATOM   25  C "C3'" . DG  A 1 2 ? -3.059  7.718   -3.917 1.00 20.79 ? 2  DG  A "C3'" 1 
ATOM   26  O "O3'" . DG  A 1 2 ? -1.900  7.566   -3.100 1.00 27.73 ? 2  DG  A "O3'" 1 
ATOM   27  C "C2'" . DG  A 1 2 ? -3.649  6.344   -4.363 1.00 18.21 ? 2  DG  A "C2'" 1 
ATOM   28  C "C1'" . DG  A 1 2 ? -4.416  6.053   -3.116 1.00 19.33 ? 2  DG  A "C1'" 1 
ATOM   29  N N9    . DG  A 1 2 ? -5.326  4.933   -3.196 1.00 14.55 ? 2  DG  A N9    1 
ATOM   30  C C8    . DG  A 1 2 ? -6.023  4.421   -4.263 1.00 14.14 ? 2  DG  A C8    1 
ATOM   31  N N7    . DG  A 1 2 ? -6.803  3.398   -3.925 1.00 16.61 ? 2  DG  A N7    1 
ATOM   32  C C5    . DG  A 1 2 ? -6.579  3.244   -2.534 1.00 14.22 ? 2  DG  A C5    1 
ATOM   33  C C6    . DG  A 1 2 ? -7.113  2.349   -1.621 1.00 10.71 ? 2  DG  A C6    1 
ATOM   34  O O6    . DG  A 1 2 ? -7.926  1.449   -1.861 1.00 11.18 ? 2  DG  A O6    1 
ATOM   35  N N1    . DG  A 1 2 ? -6.670  2.583   -0.384 1.00 8.76  ? 2  DG  A N1    1 
ATOM   36  C C2    . DG  A 1 2 ? -5.808  3.506   0.018  1.00 8.40  ? 2  DG  A C2    1 
ATOM   37  N N2    . DG  A 1 2 ? -5.490  3.561   1.292  1.00 9.43  ? 2  DG  A N2    1 
ATOM   38  N N3    . DG  A 1 2 ? -5.253  4.376   -0.823 1.00 12.11 ? 2  DG  A N3    1 
ATOM   39  C C4    . DG  A 1 2 ? -5.705  4.189   -2.076 1.00 12.70 ? 2  DG  A C4    1 
ATOM   40  P P     . DA  A 1 3 ? -0.407  7.859   -3.678 1.00 29.01 ? 3  DA  A P     1 
ATOM   41  O OP1   . DA  A 1 3 ? -0.217  9.283   -4.106 1.00 31.90 ? 3  DA  A OP1   1 
ATOM   42  O OP2   . DA  A 1 3 ? -0.312  6.826   -4.767 1.00 31.28 ? 3  DA  A OP2   1 
ATOM   43  O "O5'" . DA  A 1 3 ? 0.556   7.675   -2.426 1.00 26.60 ? 3  DA  A "O5'" 1 
ATOM   44  C "C5'" . DA  A 1 3 ? 0.153   8.476   -1.271 1.00 21.24 ? 3  DA  A "C5'" 1 
ATOM   45  C "C4'" . DA  A 1 3 ? 0.168   7.448   -0.187 1.00 19.19 ? 3  DA  A "C4'" 1 
ATOM   46  O "O4'" . DA  A 1 3 ? -0.944  6.609   -0.127 1.00 16.17 ? 3  DA  A "O4'" 1 
ATOM   47  C "C3'" . DA  A 1 3 ? 1.415   6.604   -0.022 1.00 17.69 ? 3  DA  A "C3'" 1 
ATOM   48  O "O3'" . DA  A 1 3 ? 1.974   6.821   1.278  1.00 20.05 ? 3  DA  A "O3'" 1 
ATOM   49  C "C2'" . DA  A 1 3 ? 0.912   5.181   -0.287 1.00 19.59 ? 3  DA  A "C2'" 1 
ATOM   50  C "C1'" . DA  A 1 3 ? -0.525  5.257   0.213  1.00 17.61 ? 3  DA  A "C1'" 1 
ATOM   51  N N9    . DA  A 1 3 ? -1.308  4.287   -0.564 1.00 15.12 ? 3  DA  A N9    1 
ATOM   52  C C8    . DA  A 1 3 ? -1.541  4.315   -1.933 1.00 15.76 ? 3  DA  A C8    1 
ATOM   53  N N7    . DA  A 1 3 ? -2.280  3.317   -2.323 1.00 15.36 ? 3  DA  A N7    1 
ATOM   54  C C5    . DA  A 1 3 ? -2.559  2.588   -1.157 1.00 11.26 ? 3  DA  A C5    1 
ATOM   55  C C6    . DA  A 1 3 ? -3.299  1.405   -0.946 1.00 11.11 ? 3  DA  A C6    1 
ATOM   56  N N6    . DA  A 1 3 ? -3.961  0.765   -1.922 1.00 11.07 ? 3  DA  A N6    1 
ATOM   57  N N1    . DA  A 1 3 ? -3.365  0.972   0.337  1.00 10.61 ? 3  DA  A N1    1 
ATOM   58  C C2    . DA  A 1 3 ? -2.743  1.647   1.312  1.00 10.58 ? 3  DA  A C2    1 
ATOM   59  N N3    . DA  A 1 3 ? -2.018  2.761   1.220  1.00 12.09 ? 3  DA  A N3    1 
ATOM   60  C C4    . DA  A 1 3 ? -1.943  3.181   -0.075 1.00 15.18 ? 3  DA  A C4    1 
ATOM   61  P P     . DT  A 1 4 ? 3.410   6.146   1.584  1.00 27.21 ? 4  DT  A P     1 
ATOM   62  O OP1   . DT  A 1 4 ? 4.096   7.100   2.507  1.00 28.76 ? 4  DT  A OP1   1 
ATOM   63  O OP2   . DT  A 1 4 ? 4.066   5.975   0.264  1.00 24.20 ? 4  DT  A OP2   1 
ATOM   64  O "O5'" . DT  A 1 4 ? 3.034   4.753   2.190  1.00 22.04 ? 4  DT  A "O5'" 1 
ATOM   65  C "C5'" . DT  A 1 4 ? 2.721   4.705   3.603  1.00 21.41 ? 4  DT  A "C5'" 1 
ATOM   66  C "C4'" . DT  A 1 4 ? 2.404   3.251   3.881  1.00 21.82 ? 4  DT  A "C4'" 1 
ATOM   67  O "O4'" . DT  A 1 4 ? 1.579   2.717   2.924  1.00 21.22 ? 4  DT  A "O4'" 1 
ATOM   68  C "C3'" . DT  A 1 4 ? 3.608   2.336   3.994  1.00 20.97 ? 4  DT  A "C3'" 1 
ATOM   69  O "O3'" . DT  A 1 4 ? 3.681   1.811   5.314  1.00 24.36 ? 4  DT  A "O3'" 1 
ATOM   70  C "C2'" . DT  A 1 4 ? 3.396   1.279   2.909  1.00 20.90 ? 4  DT  A "C2'" 1 
ATOM   71  C "C1'" . DT  A 1 4 ? 1.898   1.246   2.807  1.00 17.08 ? 4  DT  A "C1'" 1 
ATOM   72  N N1    . DT  A 1 4 ? 1.367   0.925   1.474  1.00 11.21 ? 4  DT  A N1    1 
ATOM   73  C C2    . DT  A 1 4 ? 0.338   -0.023  1.407  1.00 13.06 ? 4  DT  A C2    1 
ATOM   74  O O2    . DT  A 1 4 ? -0.027  -0.616  2.422  1.00 14.66 ? 4  DT  A O2    1 
ATOM   75  N N3    . DT  A 1 4 ? -0.199  -0.272  0.192  1.00 11.11 ? 4  DT  A N3    1 
ATOM   76  C C4    . DT  A 1 4 ? 0.168   0.366   -0.957 1.00 8.99  ? 4  DT  A C4    1 
ATOM   77  O O4    . DT  A 1 4 ? -0.344  0.058   -2.037 1.00 15.81 ? 4  DT  A O4    1 
ATOM   78  C C5    . DT  A 1 4 ? 1.171   1.361   -0.874 1.00 10.35 ? 4  DT  A C5    1 
ATOM   79  C C7    . DT  A 1 4 ? 1.621   2.100   -2.098 1.00 10.51 ? 4  DT  A C7    1 
ATOM   80  C C6    . DT  A 1 4 ? 1.742   1.612   0.324  1.00 12.08 ? 4  DT  A C6    1 
ATOM   81  P P     . DC  A 1 5 ? 5.034   1.222   5.926  1.00 29.16 ? 5  DC  A P     1 
ATOM   82  O OP1   . DC  A 1 5 ? 4.865   1.174   7.372  1.00 29.88 ? 5  DC  A OP1   1 
ATOM   83  O OP2   . DC  A 1 5 ? 6.135   1.996   5.289  1.00 29.85 ? 5  DC  A OP2   1 
ATOM   84  O "O5'" . DC  A 1 5 ? 5.109   -0.313  5.368  1.00 22.87 ? 5  DC  A "O5'" 1 
ATOM   85  C "C5'" . DC  A 1 5 ? 4.127   -1.176  5.991  1.00 22.39 ? 5  DC  A "C5'" 1 
ATOM   86  C "C4'" . DC  A 1 5 ? 4.166   -2.360  5.059  1.00 21.28 ? 5  DC  A "C4'" 1 
ATOM   87  O "O4'" . DC  A 1 5 ? 3.421   -2.101  3.880  1.00 18.72 ? 5  DC  A "O4'" 1 
ATOM   88  C "C3'" . DC  A 1 5 ? 5.568   -2.821  4.682  1.00 23.00 ? 5  DC  A "C3'" 1 
ATOM   89  O "O3'" . DC  A 1 5 ? 5.710   -4.243  4.664  1.00 24.20 ? 5  DC  A "O3'" 1 
ATOM   90  C "C2'" . DC  A 1 5 ? 5.671   -2.279  3.232  1.00 18.65 ? 5  DC  A "C2'" 1 
ATOM   91  C "C1'" . DC  A 1 5 ? 4.239   -2.283  2.789  1.00 18.60 ? 5  DC  A "C1'" 1 
ATOM   92  N N1    . DC  A 1 5 ? 3.939   -1.922  1.418  1.00 14.91 ? 5  DC  A N1    1 
ATOM   93  C C2    . DC  A 1 5 ? 2.838   -2.529  0.818  1.00 14.91 ? 5  DC  A C2    1 
ATOM   94  O O2    . DC  A 1 5 ? 2.129   -3.294  1.494  1.00 11.93 ? 5  DC  A O2    1 
ATOM   95  N N3    . DC  A 1 5 ? 2.583   -2.224  -0.460 1.00 11.90 ? 5  DC  A N3    1 
ATOM   96  C C4    . DC  A 1 5 ? 3.358   -1.330  -1.144 1.00 13.55 ? 5  DC  A C4    1 
ATOM   97  N N4    . DC  A 1 5 ? 3.087   -1.077  -2.408 1.00 10.38 ? 5  DC  A N4    1 
ATOM   98  C C5    . DC  A 1 5 ? 4.469   -0.731  -0.538 1.00 13.44 ? 5  DC  A C5    1 
ATOM   99  C C6    . DC  A 1 5 ? 4.722   -1.037  0.739  1.00 15.79 ? 5  DC  A C6    1 
ATOM   100 P P     . DA  A 1 6 ? 6.565   -5.007  5.787  1.00 25.96 ? 6  DA  A P     1 
ATOM   101 O OP1   . DA  A 1 6 ? 6.133   -4.529  7.114  1.00 25.39 ? 6  DA  A OP1   1 
ATOM   102 O OP2   . DA  A 1 6 ? 7.990   -4.821  5.428  1.00 24.28 ? 6  DA  A OP2   1 
ATOM   103 O "O5'" . DA  A 1 6 ? 6.003   -6.542  5.634  1.00 18.70 ? 6  DA  A "O5'" 1 
ATOM   104 C "C5'" . DA  A 1 6 ? 4.654   -6.881  5.893  1.00 16.69 ? 6  DA  A "C5'" 1 
ATOM   105 C "C4'" . DA  A 1 6 ? 4.511   -8.375  5.570  1.00 17.07 ? 6  DA  A "C4'" 1 
ATOM   106 O "O4'" . DA  A 1 6 ? 4.557   -8.631  4.185  1.00 17.10 ? 6  DA  A "O4'" 1 
ATOM   107 C "C3'" . DA  A 1 6 ? 5.620   -9.273  6.164  1.00 16.18 ? 6  DA  A "C3'" 1 
ATOM   108 O "O3'" . DA  A 1 6 ? 4.980   -10.539 6.408  1.00 17.68 ? 6  DA  A "O3'" 1 
ATOM   109 C "C2'" . DA  A 1 6 ? 6.628   -9.321  4.976  1.00 16.17 ? 6  DA  A "C2'" 1 
ATOM   110 C "C1'" . DA  A 1 6 ? 5.796   -9.288  3.739  1.00 15.26 ? 6  DA  A "C1'" 1 
ATOM   111 N N9    . DA  A 1 6 ? 6.365   -8.548  2.574  1.00 9.47  ? 6  DA  A N9    1 
ATOM   112 C C8    . DA  A 1 6 ? 7.304   -7.540  2.605  1.00 11.52 ? 6  DA  A C8    1 
ATOM   113 N N7    . DA  A 1 6 ? 7.596   -7.050  1.452  1.00 13.69 ? 6  DA  A N7    1 
ATOM   114 C C5    . DA  A 1 6 ? 6.774   -7.764  0.566  1.00 9.22  ? 6  DA  A C5    1 
ATOM   115 C C6    . DA  A 1 6 ? 6.661   -7.703  -0.853 1.00 8.03  ? 6  DA  A C6    1 
ATOM   116 N N6    . DA  A 1 6 ? 7.303   -6.867  -1.612 1.00 11.88 ? 6  DA  A N6    1 
ATOM   117 N N1    . DA  A 1 6 ? 5.717   -8.624  -1.408 1.00 7.91  ? 6  DA  A N1    1 
ATOM   118 C C2    . DA  A 1 6 ? 5.061   -9.456  -0.589 1.00 8.16  ? 6  DA  A C2    1 
ATOM   119 N N3    . DA  A 1 6 ? 5.149   -9.568  0.743  1.00 9.55  ? 6  DA  A N3    1 
ATOM   120 C C4    . DA  A 1 6 ? 6.046   -8.698  1.236  1.00 9.71  ? 6  DA  A C4    1 
HETATM 121 C C1    . DM5 B 2 . ? 5.278   -3.449  -4.380 1.00 16.39 ? 7  DM5 A C1    1 
HETATM 122 C C2    . DM5 B 2 . ? 6.221   -2.503  -4.243 1.00 16.10 ? 7  DM5 A C2    1 
HETATM 123 C C3    . DM5 B 2 . ? 6.779   -2.280  -3.083 1.00 16.61 ? 7  DM5 A C3    1 
HETATM 124 C C4    . DM5 B 2 . ? 6.501   -2.920  -1.942 1.00 12.99 ? 7  DM5 A C4    1 
HETATM 125 C C5    . DM5 B 2 . ? 5.476   -3.886  -2.013 1.00 15.05 ? 7  DM5 A C5    1 
HETATM 126 C C6    . DM5 B 2 . ? 5.038   -4.663  -0.760 1.00 11.60 ? 7  DM5 A C6    1 
HETATM 127 O O6    . DM5 B 2 . ? 5.551   -4.498  0.315  1.00 15.45 ? 7  DM5 A O6    1 
HETATM 128 C C7    . DM5 B 2 . ? 3.958   -5.676  -0.982 1.00 8.69  ? 7  DM5 A C7    1 
HETATM 129 C C8    . DM5 B 2 . ? 3.554   -6.395  0.150  1.00 9.41  ? 7  DM5 A C8    1 
HETATM 130 O O8    . DM5 B 2 . ? 4.038   -6.168  1.406  1.00 12.05 ? 7  DM5 A O8    1 
HETATM 131 C C9    . DM5 B 2 . ? 2.549   -7.399  0.027  1.00 12.09 ? 7  DM5 A C9    1 
HETATM 132 C C10   . DM5 B 2 . ? 2.005   -8.040  1.272  1.00 16.39 ? 7  DM5 A C10   1 
HETATM 133 O O10   . DM5 B 2 . ? 1.444   -6.984  1.994  1.00 17.52 ? 7  DM5 A O10   1 
HETATM 134 C C11   . DM5 B 2 . ? 1.114   -9.209  0.932  1.00 13.38 ? 7  DM5 A C11   1 
HETATM 135 C C12   . DM5 B 2 . ? 0.058   -8.871  -0.163 1.00 16.26 ? 7  DM5 A C12   1 
HETATM 136 O O12   . DM5 B 2 . ? -0.810  -7.787  0.133  1.00 14.12 ? 7  DM5 A O12   1 
HETATM 137 C C13   . DM5 B 2 . ? -0.682  -10.172 -0.448 1.00 17.39 ? 7  DM5 A C13   1 
HETATM 138 O O13   . DM5 B 2 . ? -0.297  -11.127 -1.201 1.00 19.31 ? 7  DM5 A O13   1 
HETATM 139 C C14   . DM5 B 2 . ? -1.843  -10.494 0.351  1.00 17.28 ? 7  DM5 A C14   1 
HETATM 140 C C15   . DM5 B 2 . ? 0.868   -8.612  -1.417 1.00 12.35 ? 7  DM5 A C15   1 
HETATM 141 C C16   . DM5 B 2 . ? 1.985   -7.640  -1.220 1.00 12.23 ? 7  DM5 A C16   1 
HETATM 142 C C17   . DM5 B 2 . ? 2.432   -6.856  -2.350 1.00 10.53 ? 7  DM5 A C17   1 
HETATM 143 O O17   . DM5 B 2 . ? 1.980   -7.194  -3.642 1.00 13.06 ? 7  DM5 A O17   1 
HETATM 144 C C18   . DM5 B 2 . ? 3.425   -5.901  -2.198 1.00 9.30  ? 7  DM5 A C18   1 
HETATM 145 C C19   . DM5 B 2 . ? 3.848   -5.168  -3.347 1.00 10.27 ? 7  DM5 A C19   1 
HETATM 146 O O19   . DM5 B 2 . ? 3.395   -5.365  -4.520 1.00 13.77 ? 7  DM5 A O19   1 
HETATM 147 C C20   . DM5 B 2 . ? 4.863   -4.173  -3.240 1.00 10.70 ? 7  DM5 A C20   1 
HETATM 148 C "C1'" . DM5 B 2 . ? 1.376   -6.873  3.466  1.00 19.80 ? 7  DM5 A "C1'" 1 
HETATM 149 C "C2'" . DM5 B 2 . ? 1.609   -5.426  3.980  1.00 19.78 ? 7  DM5 A "C2'" 1 
HETATM 150 C "C3'" . DM5 B 2 . ? 0.293   -4.606  3.779  1.00 25.64 ? 7  DM5 A "C3'" 1 
HETATM 151 N "N3'" . DM5 B 2 . ? 0.673   -3.179  3.860  1.00 23.88 ? 7  DM5 A "N3'" 1 
HETATM 152 C "C4'" . DM5 B 2 . ? -0.951  -5.336  4.280  1.00 22.51 ? 7  DM5 A "C4'" 1 
HETATM 153 O "O4'" . DM5 B 2 . ? -0.545  -5.443  5.739  1.00 26.72 ? 7  DM5 A "O4'" 1 
HETATM 154 C "C5'" . DM5 B 2 . ? -1.019  -6.604  3.594  1.00 21.62 ? 7  DM5 A "C5'" 1 
HETATM 155 O "O5'" . DM5 B 2 . ? 0.106   -7.431  3.849  1.00 22.81 ? 7  DM5 A "O5'" 1 
HETATM 156 C "C6'" . DM5 B 2 . ? -2.257  -7.177  3.992  1.00 23.34 ? 7  DM5 A "C6'" 1 
HETATM 157 O O     . HOH C 3 . ? 5.378   3.028   -0.201 1.00 44.45 ? 8  HOH A O     1 
HETATM 158 O O     . HOH C 3 . ? -8.019  2.500   -5.873 1.00 42.14 ? 9  HOH A O     1 
HETATM 159 O O     . HOH C 3 . ? -2.934  2.812   -4.887 1.00 36.59 ? 10 HOH A O     1 
HETATM 160 O O     . HOH C 3 . ? 4.931   0.862   -3.622 1.00 28.21 ? 11 HOH A O     1 
HETATM 161 O O     . HOH C 3 . ? 0.149   3.582   -5.696 1.00 55.23 ? 12 HOH A O     1 
HETATM 162 O O     . HOH C 3 . ? -5.346  6.767   -7.125 1.00 53.69 ? 13 HOH A O     1 
HETATM 163 O O     . HOH C 3 . ? 2.033   9.089   3.333  1.00 38.70 ? 14 HOH A O     1 
HETATM 164 O O     . HOH C 3 . ? 3.865   -12.310 4.681  1.00 41.44 ? 15 HOH A O     1 
HETATM 165 O O     . HOH C 3 . ? -2.115  9.101   -7.333 1.00 55.00 ? 16 HOH A O     1 
HETATM 166 O O     . HOH C 3 . ? -1.992  -1.887  4.572  1.00 29.30 ? 17 HOH A O     1 
HETATM 167 O O     . HOH C 3 . ? -0.665  -10.298 4.426  1.00 57.54 ? 18 HOH A O     1 
HETATM 168 O O     . HOH C 3 . ? -3.059  -5.783  7.567  1.00 55.45 ? 19 HOH A O     1 
HETATM 169 O O     . HOH C 3 . ? -13.180 6.755   -6.678 1.00 37.23 ? 20 HOH A O     1 
HETATM 170 O O     . HOH C 3 . ? 3.184   -11.677 1.791  1.00 23.04 ? 21 HOH A O     1 
HETATM 171 O O     . HOH C 3 . ? -15.102 3.940   -0.197 1.00 22.13 ? 22 HOH A O     1 
HETATM 172 O O     . HOH C 3 . ? -16.211 2.619   -2.464 1.00 40.95 ? 23 HOH A O     1 
HETATM 173 O O     . HOH C 3 . ? 4.097   -0.654  9.417  1.00 46.78 ? 24 HOH A O     1 
HETATM 174 O O     . HOH C 3 . ? -8.601  4.984   -7.602 1.00 55.77 ? 25 HOH A O     1 
HETATM 175 O O     . HOH C 3 . ? 9.171   -7.368  5.428  1.00 56.50 ? 26 HOH A O     1 
HETATM 176 O O     . HOH C 3 . ? 9.353   -5.322  -1.393 1.00 43.40 ? 27 HOH A O     1 
HETATM 177 O O     . HOH C 3 . ? -0.815  -13.687 1.964  1.00 62.69 ? 28 HOH A O     1 
HETATM 178 O O     . HOH C 3 . ? 2.230   -12.435 -2.730 1.00 53.54 ? 29 HOH A O     1 
HETATM 179 O O     . HOH C 3 . ? 3.288   5.451   -2.555 1.00 40.48 ? 30 HOH A O     1 
HETATM 180 O O     . HOH C 3 . ? 3.013   -10.209 8.539  1.00 48.43 ? 31 HOH A O     1 
HETATM 181 O O     . HOH C 3 . ? 3.337   -0.144  -6.552 1.00 56.31 ? 32 HOH A O     1 
HETATM 182 O O     . HOH C 3 . ? 1.251   -6.211  7.213  1.00 52.59 ? 33 HOH A O     1 
HETATM 183 O O     . HOH C 3 . ? 6.263   6.769   4.722  1.00 53.47 ? 34 HOH A O     1 
HETATM 184 O O     . HOH C 3 . ? -1.466  11.431  -5.542 1.00 60.62 ? 35 HOH A O     1 
HETATM 185 O O     . HOH C 3 . ? 2.555   10.223  -4.727 1.00 41.17 ? 36 HOH A O     1 
HETATM 186 O O     . HOH C 3 . ? 8.957   -4.275  1.320  1.00 55.78 ? 37 HOH A O     1 
HETATM 187 O O     . HOH C 3 . ? -5.179  0.450   -5.074 1.00 46.32 ? 38 HOH A O     1 
HETATM 188 O O     . HOH C 3 . ? -3.380  12.662  -5.556 1.00 50.89 ? 39 HOH A O     1 
HETATM 189 O O     . HOH C 3 . ? 7.617   4.526   4.275  1.00 57.23 ? 40 HOH A O     1 
HETATM 190 O O     . HOH C 3 . ? 5.942   -2.884  9.092  1.00 57.15 ? 41 HOH A O     1 
HETATM 191 O O     . HOH C 3 . ? -0.509  3.721   2.697  1.00 42.15 ? 42 HOH A O     1 
# 
